data_5OPH
#
_entry.id   5OPH
#
_entity_poly.entity_id   1
_entity_poly.type   'polydeoxyribonucleotide'
_entity_poly.pdbx_seq_one_letter_code
;(DG)(DG)(DG)(DG)(DC)(DC)(DG)(DG)(DG)(DG)(DC)(DC)(DG)(DG)(DG)(DG)(DC)(DC)(DG)(DG)
(BGM)(DG)
;
_entity_poly.pdbx_strand_id   A
#
loop_
_chem_comp.id
_chem_comp.type
_chem_comp.name
_chem_comp.formula
BGM DNA linking 8-BROMO-2'-DEOXYGUANOSINE-5'-MONOPHOSPHATE 'C10 H13 Br N5 O7 P'
DC DNA linking 2'-DEOXYCYTIDINE-5'-MONOPHOSPHATE 'C9 H14 N3 O7 P'
DG DNA linking 2'-DEOXYGUANOSINE-5'-MONOPHOSPHATE 'C10 H14 N5 O7 P'
#
# COMPACT_ATOMS: atom_id res chain seq x y z
P BGM A 21 2.20 3.70 1.94
OP1 BGM A 21 2.11 5.11 1.48
OP2 BGM A 21 1.71 3.36 3.30
O5' BGM A 21 1.46 2.76 0.88
C5' BGM A 21 1.63 2.97 -0.52
C4' BGM A 21 0.60 2.25 -1.40
O4' BGM A 21 0.80 0.84 -1.51
C1' BGM A 21 -0.50 0.28 -1.57
N9 BGM A 21 -0.52 -1.21 -1.43
C8 BGM A 21 -0.82 -2.12 -2.42
N7 BGM A 21 -0.75 -3.37 -2.04
C5 BGM A 21 -0.31 -3.29 -0.71
C4 BGM A 21 -0.15 -1.97 -0.34
N3 BGM A 21 0.32 -1.55 0.88
C2 BGM A 21 0.65 -2.53 1.70
N2 BGM A 21 1.16 -2.22 2.86
N1 BGM A 21 0.53 -3.86 1.42
C6 BGM A 21 0.03 -4.33 0.22
O6 BGM A 21 -0.07 -5.54 0.06
C2' BGM A 21 -1.28 1.08 -0.54
C3' BGM A 21 -0.86 2.50 -0.91
O3' BGM A 21 -1.62 3.10 -1.96
BR BGM A 21 -1.24 -1.71 -4.21
H5' BGM A 21 2.64 2.66 -0.82
H5'' BGM A 21 1.54 4.04 -0.74
H4' BGM A 21 0.70 2.67 -2.40
H1' BGM A 21 -0.95 0.52 -2.53
H21 BGM A 21 1.23 -1.24 3.09
H22 BGM A 21 1.45 -2.92 3.53
H1 BGM A 21 0.84 -4.56 2.07
H2' BGM A 21 -0.94 0.85 0.47
H2'' BGM A 21 -2.35 0.94 -0.64
H3' BGM A 21 -0.89 3.17 -0.04
P BGM A 21 2.66 3.52 0.16
OP1 BGM A 21 3.55 2.67 -0.66
OP2 BGM A 21 2.60 4.99 -0.11
O5' BGM A 21 1.17 2.95 0.00
C5' BGM A 21 0.37 3.36 -1.10
C4' BGM A 21 -0.91 2.51 -1.24
O4' BGM A 21 -0.58 1.15 -1.52
C1' BGM A 21 -1.57 0.40 -0.85
N9 BGM A 21 -1.26 -1.06 -0.88
C8 BGM A 21 -1.56 -1.93 -1.91
N7 BGM A 21 -1.22 -3.17 -1.70
C5 BGM A 21 -0.66 -3.14 -0.42
C4 BGM A 21 -0.65 -1.86 0.07
N3 BGM A 21 -0.18 -1.48 1.29
C2 BGM A 21 0.30 -2.49 2.01
N2 BGM A 21 0.76 -2.20 3.21
N1 BGM A 21 0.36 -3.77 1.60
C6 BGM A 21 -0.12 -4.20 0.39
O6 BGM A 21 -0.02 -5.39 0.11
C2' BGM A 21 -1.60 1.10 0.50
C3' BGM A 21 -1.79 2.55 0.04
O3' BGM A 21 -3.19 2.74 -0.13
BR BGM A 21 -2.32 -1.40 -3.57
H5' BGM A 21 0.93 3.28 -2.02
H5'' BGM A 21 0.06 4.40 -0.97
H4' BGM A 21 -1.48 2.89 -2.08
H1' BGM A 21 -2.54 0.55 -1.33
H21 BGM A 21 0.68 -1.25 3.52
H22 BGM A 21 1.18 -2.90 3.80
H1 BGM A 21 0.72 -4.49 2.22
H2' BGM A 21 -0.64 1.02 1.01
H2'' BGM A 21 -2.40 0.75 1.15
H3' BGM A 21 -1.42 3.24 0.80
P BGM A 21 2.53 3.68 1.10
OP1 BGM A 21 2.36 4.30 -0.24
OP2 BGM A 21 2.34 4.51 2.32
O5' BGM A 21 1.55 2.41 1.20
C5' BGM A 21 1.52 1.38 0.23
C4' BGM A 21 0.62 1.63 -1.01
O4' BGM A 21 0.58 0.43 -1.78
C1' BGM A 21 -0.72 -0.14 -1.66
N9 BGM A 21 -0.67 -1.63 -1.58
C8 BGM A 21 -1.03 -2.53 -2.56
N7 BGM A 21 -0.95 -3.79 -2.20
C5 BGM A 21 -0.45 -3.73 -0.91
C4 BGM A 21 -0.25 -2.42 -0.53
N3 BGM A 21 0.28 -2.02 0.66
C2 BGM A 21 0.62 -3.02 1.47
N2 BGM A 21 1.18 -2.70 2.62
N1 BGM A 21 0.46 -4.33 1.19
C6 BGM A 21 -0.09 -4.78 0.01
O6 BGM A 21 -0.21 -6.00 -0.15
C2' BGM A 21 -1.41 0.56 -0.49
C3' BGM A 21 -0.84 1.97 -0.60
O3' BGM A 21 -1.46 2.80 -1.59
BR BGM A 21 -1.56 -2.09 -4.32
H5' BGM A 21 1.16 0.48 0.72
H5'' BGM A 21 2.53 1.17 -0.12
H4' BGM A 21 1.05 2.45 -1.59
H1' BGM A 21 -1.31 0.14 -2.53
H21 BGM A 21 1.27 -1.73 2.84
H22 BGM A 21 1.47 -3.41 3.28
H1 BGM A 21 0.75 -5.04 1.85
H2' BGM A 21 -1.12 0.14 0.47
H2'' BGM A 21 -2.48 0.55 -0.60
H3' BGM A 21 -0.88 2.49 0.36
P BGM A 21 2.16 4.04 2.05
OP1 BGM A 21 2.22 5.46 1.60
OP2 BGM A 21 1.86 3.74 3.48
O5' BGM A 21 1.11 3.25 1.13
C5' BGM A 21 1.04 3.52 -0.26
C4' BGM A 21 -0.09 2.75 -0.97
O4' BGM A 21 0.18 1.37 -1.14
C1' BGM A 21 -1.08 0.73 -1.05
N9 BGM A 21 -0.98 -0.76 -0.97
C8 BGM A 21 -1.27 -1.65 -1.98
N7 BGM A 21 -1.07 -2.90 -1.67
C5 BGM A 21 -0.58 -2.85 -0.37
C4 BGM A 21 -0.51 -1.54 0.07
N3 BGM A 21 -0.04 -1.14 1.29
C2 BGM A 21 0.36 -2.15 2.07
N2 BGM A 21 0.83 -1.85 3.25
N1 BGM A 21 0.34 -3.46 1.72
C6 BGM A 21 -0.13 -3.90 0.50
O6 BGM A 21 -0.09 -5.11 0.27
C2' BGM A 21 -1.76 1.46 0.11
C3' BGM A 21 -1.47 2.91 -0.27
O3' BGM A 21 -2.39 3.52 -1.17
BR BGM A 21 -1.84 -1.19 -3.72
H5' BGM A 21 1.98 3.29 -0.74
H5'' BGM A 21 0.84 4.59 -0.40
H4' BGM A 21 -0.17 3.19 -1.97
H1' BGM A 21 -1.68 0.98 -1.92
H21 BGM A 21 0.82 -0.88 3.53
H22 BGM A 21 1.15 -2.56 3.90
H1 BGM A 21 0.68 -4.17 2.37
H2' BGM A 21 -1.27 1.22 1.05
H2'' BGM A 21 -2.81 1.25 0.16
H3' BGM A 21 -1.39 3.54 0.63
P BGM A 21 2.33 4.01 1.58
OP1 BGM A 21 2.58 5.47 1.42
OP2 BGM A 21 1.48 3.54 2.71
O5' BGM A 21 1.71 3.45 0.23
C5' BGM A 21 1.54 2.05 0.02
C4' BGM A 21 0.59 1.81 -1.17
O4' BGM A 21 0.59 0.45 -1.56
C1' BGM A 21 -0.74 -0.03 -1.52
N9 BGM A 21 -0.79 -1.50 -1.36
C8 BGM A 21 -1.10 -2.42 -2.34
N7 BGM A 21 -1.07 -3.67 -1.94
C5 BGM A 21 -0.66 -3.59 -0.61
C4 BGM A 21 -0.46 -2.26 -0.25
N3 BGM A 21 0.00 -1.84 0.97
C2 BGM A 21 0.26 -2.82 1.82
N2 BGM A 21 0.79 -2.51 2.97
N1 BGM A 21 0.09 -4.15 1.56
C6 BGM A 21 -0.37 -4.62 0.35
O6 BGM A 21 -0.48 -5.84 0.19
C2' BGM A 21 -1.42 0.81 -0.43
C3' BGM A 21 -0.86 2.20 -0.76
O3' BGM A 21 -1.53 2.89 -1.82
BR BGM A 21 -1.49 -2.03 -4.14
H5' BGM A 21 1.11 1.59 0.90
H5'' BGM A 21 2.51 1.60 -0.20
H4' BGM A 21 0.92 2.43 -2.00
H1' BGM A 21 -1.25 0.25 -2.44
H21 BGM A 21 0.91 -1.53 3.18
H22 BGM A 21 1.07 -3.21 3.65
H1 BGM A 21 0.33 -4.84 2.25
H2' BGM A 21 -1.11 0.51 0.55
H2'' BGM A 21 -2.50 0.78 -0.53
H3' BGM A 21 -0.87 2.83 0.14
P BGM A 21 2.03 3.96 1.99
OP1 BGM A 21 2.13 5.38 1.57
OP2 BGM A 21 1.71 3.64 3.40
O5' BGM A 21 0.98 3.20 1.04
C5' BGM A 21 0.88 3.53 -0.34
C4' BGM A 21 -0.28 2.82 -1.06
O4' BGM A 21 -0.03 1.43 -1.29
C1' BGM A 21 -1.28 0.79 -1.11
N9 BGM A 21 -1.13 -0.69 -1.04
C8 BGM A 21 -1.42 -1.59 -2.05
N7 BGM A 21 -1.17 -2.84 -1.75
C5 BGM A 21 -0.63 -2.77 -0.46
C4 BGM A 21 -0.61 -1.46 -0.02
N3 BGM A 21 -0.13 -1.05 1.19
C2 BGM A 21 0.33 -2.04 1.96
N2 BGM A 21 0.81 -1.73 3.15
N1 BGM A 21 0.35 -3.35 1.61
C6 BGM A 21 -0.13 -3.80 0.39
O6 BGM A 21 -0.05 -5.01 0.16
C2' BGM A 21 -1.90 1.51 0.08
C3' BGM A 21 -1.62 2.97 -0.30
O3' BGM A 21 -2.58 3.58 -1.17
BR BGM A 21 -2.07 -1.15 -3.77
H5' BGM A 21 1.81 3.29 -0.84
H5'' BGM A 21 0.71 4.61 -0.44
H4' BGM A 21 -0.38 3.30 -2.03
H1' BGM A 21 -1.94 1.03 -1.95
H21 BGM A 21 0.76 -0.76 3.42
H22 BGM A 21 1.17 -2.44 3.77
H1 BGM A 21 0.71 -4.04 2.24
H2' BGM A 21 -1.37 1.28 1.01
H2'' BGM A 21 -2.95 1.32 0.18
H3' BGM A 21 -1.52 3.61 0.59
P BGM A 21 2.25 3.61 1.94
OP1 BGM A 21 2.57 5.05 2.14
OP2 BGM A 21 1.43 2.88 2.94
O5' BGM A 21 1.54 3.45 0.51
C5' BGM A 21 1.32 2.16 -0.04
C4' BGM A 21 0.49 2.24 -1.33
O4' BGM A 21 0.47 0.96 -1.97
C1' BGM A 21 -0.85 0.45 -1.91
N9 BGM A 21 -0.84 -1.03 -1.76
C8 BGM A 21 -1.14 -1.95 -2.74
N7 BGM A 21 -1.07 -3.20 -2.35
C5 BGM A 21 -0.63 -3.10 -1.04
C4 BGM A 21 -0.45 -1.78 -0.67
N3 BGM A 21 0.04 -1.35 0.53
C2 BGM A 21 0.39 -2.34 1.35
N2 BGM A 21 0.91 -2.02 2.52
N1 BGM A 21 0.26 -3.66 1.08
C6 BGM A 21 -0.27 -4.13 -0.10
O6 BGM A 21 -0.35 -5.35 -0.25
C2' BGM A 21 -1.58 1.25 -0.83
C3' BGM A 21 -0.97 2.64 -1.02
O3' BGM A 21 -1.54 3.41 -2.08
BR BGM A 21 -1.54 -1.57 -4.55
H5' BGM A 21 0.79 1.53 0.69
H5'' BGM A 21 2.27 1.69 -0.27
H4' BGM A 21 0.95 2.98 -1.99
H1' BGM A 21 -1.37 0.71 -2.83
H21 BGM A 21 0.99 -1.05 2.75
H22 BGM A 21 1.21 -2.73 3.19
H1 BGM A 21 0.60 -4.34 1.73
H2' BGM A 21 -1.36 0.87 0.17
H2'' BGM A 21 -2.65 1.26 -1.00
H3' BGM A 21 -1.04 3.21 -0.08
P BGM A 21 2.04 3.42 2.07
OP1 BGM A 21 2.28 4.86 2.34
OP2 BGM A 21 1.21 2.63 3.01
O5' BGM A 21 1.40 3.28 0.60
C5' BGM A 21 1.22 1.98 0.02
C4' BGM A 21 0.46 2.09 -1.31
O4' BGM A 21 0.48 0.82 -1.98
C1' BGM A 21 -0.85 0.31 -2.01
N9 BGM A 21 -0.87 -1.17 -1.90
C8 BGM A 21 -1.15 -2.08 -2.89
N7 BGM A 21 -1.11 -3.33 -2.52
C5 BGM A 21 -0.69 -3.25 -1.19
C4 BGM A 21 -0.52 -1.95 -0.81
N3 BGM A 21 -0.06 -1.53 0.41
C2 BGM A 21 0.24 -2.53 1.25
N2 BGM A 21 0.73 -2.21 2.41
N1 BGM A 21 0.10 -3.84 0.96
C6 BGM A 21 -0.38 -4.30 -0.25
O6 BGM A 21 -0.49 -5.52 -0.42
C2' BGM A 21 -1.63 1.08 -0.96
C3' BGM A 21 -1.02 2.48 -1.07
O3' BGM A 21 -1.53 3.26 -2.16
BR BGM A 21 -1.48 -1.66 -4.72
H5' BGM A 21 0.65 1.35 0.71
H5'' BGM A 21 2.19 1.52 -0.16
H4' BGM A 21 0.95 2.84 -1.93
H1' BGM A 21 -1.31 0.59 -2.96
H21 BGM A 21 0.83 -1.24 2.64
H22 BGM A 21 1.04 -2.92 3.08
H1 BGM A 21 0.40 -4.55 1.61
H2' BGM A 21 -1.46 0.69 0.04
H2'' BGM A 21 -2.69 1.09 -1.19
H3' BGM A 21 -1.14 3.03 -0.14
P BGM A 21 2.45 3.98 1.75
OP1 BGM A 21 2.69 5.43 1.61
OP2 BGM A 21 1.80 3.46 2.99
O5' BGM A 21 1.58 3.49 0.49
C5' BGM A 21 1.41 2.10 0.21
C4' BGM A 21 0.45 1.90 -0.97
O4' BGM A 21 0.52 0.55 -1.44
C1' BGM A 21 -0.78 0.01 -1.41
N9 BGM A 21 -0.77 -1.48 -1.31
C8 BGM A 21 -1.05 -2.38 -2.32
N7 BGM A 21 -0.97 -3.63 -1.96
C5 BGM A 21 -0.56 -3.57 -0.63
C4 BGM A 21 -0.41 -2.26 -0.23
N3 BGM A 21 0.05 -1.85 0.99
C2 BGM A 21 0.35 -2.85 1.81
N2 BGM A 21 0.86 -2.53 2.96
N1 BGM A 21 0.21 -4.17 1.52
C6 BGM A 21 -0.23 -4.62 0.29
O6 BGM A 21 -0.26 -5.83 0.11
C2' BGM A 21 -1.49 0.76 -0.28
C3' BGM A 21 -1.02 2.19 -0.54
O3' BGM A 21 -1.71 2.89 -1.58
BR BGM A 21 -1.45 -1.92 -4.11
H5' BGM A 21 1.00 1.59 1.09
H5'' BGM A 21 2.37 1.65 -0.04
H4' BGM A 21 0.75 2.58 -1.77
H1' BGM A 21 -1.31 0.29 -2.33
H21 BGM A 21 0.93 -1.55 3.19
H22 BGM A 21 1.15 -3.23 3.64
H1 BGM A 21 0.49 -4.87 2.19
H2' BGM A 21 -1.15 0.44 0.69
H2'' BGM A 21 -2.57 0.68 -0.36
H3' BGM A 21 -1.05 2.78 0.38
P BGM A 21 2.44 4.05 1.69
OP1 BGM A 21 2.42 5.42 1.11
OP2 BGM A 21 2.00 3.86 3.10
O5' BGM A 21 1.58 3.08 0.75
C5' BGM A 21 1.66 3.19 -0.67
C4' BGM A 21 0.57 2.42 -1.43
O4' BGM A 21 0.77 0.99 -1.47
C1' BGM A 21 -0.55 0.46 -1.53
N9 BGM A 21 -0.57 -1.03 -1.38
C8 BGM A 21 -0.81 -1.97 -2.37
N7 BGM A 21 -0.77 -3.20 -1.97
C5 BGM A 21 -0.43 -3.10 -0.62
C4 BGM A 21 -0.28 -1.78 -0.25
N3 BGM A 21 0.11 -1.34 0.98
C2 BGM A 21 0.38 -2.33 1.84
N2 BGM A 21 0.83 -1.99 3.03
N1 BGM A 21 0.26 -3.65 1.57
C6 BGM A 21 -0.16 -4.13 0.35
O6 BGM A 21 -0.23 -5.35 0.19
C2' BGM A 21 -1.32 1.30 -0.53
C3' BGM A 21 -0.86 2.71 -0.91
O3' BGM A 21 -1.62 3.34 -1.94
BR BGM A 21 -1.10 -1.57 -4.20
H5' BGM A 21 2.64 2.85 -1.01
H5'' BGM A 21 1.55 4.24 -0.95
H4' BGM A 21 0.62 2.76 -2.47
H1' BGM A 21 -0.99 0.69 -2.50
H21 BGM A 21 0.92 -1.01 3.24
H22 BGM A 21 1.09 -2.70 3.72
H1 BGM A 21 0.53 -4.34 2.24
H2' BGM A 21 -1.01 1.06 0.49
H2'' BGM A 21 -2.39 1.17 -0.64
H3' BGM A 21 -0.85 3.35 -0.03
#